data_5TDA
#
_entry.id   5TDA
#
_cell.length_a   28.702
_cell.length_b   37.158
_cell.length_c   57.474
_cell.angle_alpha   90.00
_cell.angle_beta   90.00
_cell.angle_gamma   90.00
#
_symmetry.space_group_name_H-M   'P 21 21 21'
#
loop_
_entity.id
_entity.type
_entity.pdbx_description
1 polymer 'E3 ubiquitin-protein ligase UBR2'
2 polymer 'ARG-LEU-TRP-SER peptide'
3 non-polymer 'ZINC ION'
4 water water
#
loop_
_entity_poly.entity_id
_entity_poly.type
_entity_poly.pdbx_seq_one_letter_code
_entity_poly.pdbx_strand_id
1 'polypeptide(L)' GPLGSLCGRVFKVGEPTYSCRDCAVDPTCVLCMECFLGSIHRDHRYRMTTSGGGGFCDCGDTEAWKEGPYCQKHEL A
2 'polypeptide(L)' RLWS B
#
loop_
_chem_comp.id
_chem_comp.type
_chem_comp.name
_chem_comp.formula
ZN non-polymer 'ZINC ION' 'Zn 2'
#
# COMPACT_ATOMS: atom_id res chain seq x y z
N SER A 5 -0.70 -13.30 -9.56
CA SER A 5 -0.43 -12.16 -10.43
C SER A 5 -0.63 -10.84 -9.70
N LEU A 6 -1.42 -10.87 -8.62
CA LEU A 6 -1.61 -9.72 -7.74
C LEU A 6 -0.88 -9.98 -6.42
N CYS A 7 -0.86 -8.96 -5.56
CA CYS A 7 -0.05 -9.04 -4.33
C CYS A 7 -0.72 -9.91 -3.27
N GLY A 8 -1.73 -9.36 -2.61
CA GLY A 8 -2.42 -10.09 -1.55
C GLY A 8 -1.63 -10.35 -0.28
N ARG A 9 -0.50 -9.67 -0.08
N ARG A 9 -0.55 -9.63 -0.07
CA ARG A 9 0.32 -9.91 1.10
CA ARG A 9 0.31 -9.86 1.08
C ARG A 9 -0.47 -9.56 2.36
C ARG A 9 -0.42 -9.53 2.38
N VAL A 10 -0.38 -10.46 3.34
CA VAL A 10 -0.83 -10.21 4.70
C VAL A 10 0.39 -9.74 5.49
N PHE A 11 0.30 -8.58 6.14
CA PHE A 11 1.47 -8.04 6.80
C PHE A 11 1.92 -8.91 7.97
N LYS A 12 3.22 -9.07 8.09
CA LYS A 12 3.84 -9.77 9.21
C LYS A 12 4.29 -8.75 10.26
N VAL A 13 4.49 -9.26 11.48
CA VAL A 13 4.94 -8.40 12.56
C VAL A 13 6.25 -7.77 12.18
N GLY A 14 6.32 -6.44 12.34
CA GLY A 14 7.53 -5.69 12.08
C GLY A 14 7.69 -5.22 10.64
N GLU A 15 6.78 -5.58 9.76
CA GLU A 15 6.94 -5.30 8.34
C GLU A 15 6.65 -3.82 8.06
N PRO A 16 7.50 -3.12 7.30
CA PRO A 16 7.17 -1.73 6.94
C PRO A 16 5.94 -1.65 6.06
N THR A 17 5.06 -0.67 6.37
CA THR A 17 3.82 -0.45 5.66
CA THR A 17 3.83 -0.45 5.63
C THR A 17 3.74 1.02 5.24
N TYR A 18 3.17 1.29 4.06
CA TYR A 18 3.13 2.65 3.52
C TYR A 18 1.74 3.02 3.05
N SER A 19 1.32 4.25 3.31
CA SER A 19 0.13 4.78 2.67
C SER A 19 0.51 6.05 1.92
N CYS A 20 -0.09 6.27 0.76
CA CYS A 20 0.08 7.52 0.03
C CYS A 20 -0.95 8.52 0.52
N ARG A 21 -0.48 9.59 1.17
CA ARG A 21 -1.41 10.61 1.67
CA ARG A 21 -1.40 10.62 1.66
C ARG A 21 -2.12 11.33 0.53
N ASP A 22 -1.49 11.42 -0.64
CA ASP A 22 -2.08 12.11 -1.78
C ASP A 22 -3.18 11.29 -2.46
N CYS A 23 -2.98 9.97 -2.59
CA CYS A 23 -3.81 9.14 -3.43
C CYS A 23 -4.75 8.18 -2.69
N ALA A 24 -4.50 7.89 -1.42
CA ALA A 24 -5.35 6.95 -0.70
C ALA A 24 -6.79 7.44 -0.67
N VAL A 25 -7.73 6.54 -0.90
CA VAL A 25 -9.14 6.90 -0.80
C VAL A 25 -9.53 7.19 0.65
N ASP A 26 -8.93 6.48 1.61
CA ASP A 26 -9.14 6.75 3.03
C ASP A 26 -7.94 6.25 3.82
N PRO A 27 -7.84 6.59 5.11
CA PRO A 27 -6.64 6.27 5.89
C PRO A 27 -6.44 4.81 6.23
N THR A 28 -7.32 3.91 5.80
CA THR A 28 -7.10 2.48 6.00
C THR A 28 -6.33 1.85 4.84
N CYS A 29 -6.14 2.58 3.75
CA CYS A 29 -5.51 2.06 2.53
C CYS A 29 -3.99 2.09 2.66
N VAL A 30 -3.34 0.96 2.32
CA VAL A 30 -1.92 0.80 2.57
CA VAL A 30 -1.93 0.79 2.58
C VAL A 30 -1.31 -0.16 1.54
N LEU A 31 0.01 -0.07 1.42
CA LEU A 31 0.82 -0.90 0.52
C LEU A 31 1.98 -1.51 1.31
N CYS A 32 2.34 -2.73 0.93
CA CYS A 32 3.60 -3.32 1.36
C CYS A 32 4.76 -2.56 0.73
N MET A 33 5.98 -2.83 1.22
CA MET A 33 7.14 -2.09 0.73
CA MET A 33 7.14 -2.09 0.73
C MET A 33 7.42 -2.38 -0.74
N GLU A 34 7.29 -3.65 -1.15
CA GLU A 34 7.50 -4.02 -2.54
C GLU A 34 6.59 -3.21 -3.46
N CYS A 35 5.32 -3.12 -3.10
CA CYS A 35 4.36 -2.42 -3.96
C CYS A 35 4.53 -0.91 -3.88
N PHE A 36 4.78 -0.37 -2.67
CA PHE A 36 4.98 1.07 -2.54
C PHE A 36 6.16 1.54 -3.41
N LEU A 37 7.32 0.91 -3.24
CA LEU A 37 8.52 1.36 -3.95
C LEU A 37 8.46 1.06 -5.45
N GLY A 38 7.60 0.13 -5.89
CA GLY A 38 7.38 -0.13 -7.28
C GLY A 38 6.22 0.66 -7.89
N SER A 39 5.66 1.62 -7.15
CA SER A 39 4.51 2.39 -7.58
C SER A 39 4.89 3.86 -7.76
N ILE A 40 3.97 4.61 -8.35
CA ILE A 40 4.25 6.04 -8.49
CA ILE A 40 4.12 6.06 -8.51
C ILE A 40 4.25 6.75 -7.15
N HIS A 41 3.69 6.13 -6.10
CA HIS A 41 3.57 6.79 -4.81
C HIS A 41 4.90 6.99 -4.10
N ARG A 42 5.97 6.34 -4.56
CA ARG A 42 7.28 6.59 -3.96
C ARG A 42 7.72 8.04 -4.12
N ASP A 43 7.12 8.78 -5.07
CA ASP A 43 7.43 10.19 -5.27
C ASP A 43 6.37 11.11 -4.68
N HIS A 44 5.43 10.57 -3.90
CA HIS A 44 4.35 11.33 -3.30
C HIS A 44 4.56 11.46 -1.79
N ARG A 45 3.64 12.16 -1.12
CA ARG A 45 3.68 12.26 0.35
C ARG A 45 3.15 10.95 0.92
N TYR A 46 3.87 10.37 1.86
CA TYR A 46 3.49 9.06 2.39
C TYR A 46 3.56 9.05 3.91
N ARG A 47 2.89 8.04 4.47
CA ARG A 47 2.94 7.73 5.89
CA ARG A 47 2.94 7.73 5.89
C ARG A 47 3.46 6.30 6.03
N MET A 48 4.59 6.13 6.73
CA MET A 48 5.19 4.82 6.98
C MET A 48 4.94 4.41 8.41
N THR A 49 4.54 3.15 8.60
CA THR A 49 4.42 2.56 9.94
C THR A 49 5.12 1.22 9.94
N THR A 50 5.45 0.75 11.14
CA THR A 50 5.92 -0.61 11.35
C THR A 50 4.71 -1.48 11.73
N SER A 51 4.42 -2.51 10.94
CA SER A 51 3.17 -3.25 11.17
C SER A 51 3.19 -4.02 12.48
N GLY A 52 2.05 -3.98 13.18
CA GLY A 52 1.81 -4.89 14.28
C GLY A 52 1.49 -6.30 13.88
N GLY A 53 1.28 -6.53 12.57
CA GLY A 53 0.90 -7.82 12.07
C GLY A 53 -0.58 -7.90 11.74
N GLY A 54 -0.89 -8.55 10.64
CA GLY A 54 -2.24 -8.62 10.16
C GLY A 54 -2.56 -7.42 9.29
N GLY A 55 -3.74 -7.47 8.69
CA GLY A 55 -4.04 -6.53 7.62
C GLY A 55 -3.33 -6.95 6.34
N PHE A 56 -3.59 -6.21 5.26
CA PHE A 56 -3.15 -6.65 3.95
C PHE A 56 -2.82 -5.48 3.03
N CYS A 57 -1.98 -5.79 2.04
CA CYS A 57 -1.63 -4.83 1.01
C CYS A 57 -2.81 -4.60 0.05
N ASP A 58 -3.06 -3.32 -0.28
CA ASP A 58 -4.15 -2.91 -1.15
C ASP A 58 -3.73 -2.70 -2.61
N CYS A 59 -2.54 -3.18 -2.99
CA CYS A 59 -2.13 -3.08 -4.40
C CYS A 59 -3.15 -3.82 -5.26
N GLY A 60 -3.61 -3.17 -6.33
CA GLY A 60 -4.57 -3.76 -7.24
C GLY A 60 -6.02 -3.48 -6.94
N ASP A 61 -6.34 -2.93 -5.76
CA ASP A 61 -7.71 -2.53 -5.45
C ASP A 61 -7.92 -1.16 -6.10
N THR A 62 -8.57 -1.18 -7.26
CA THR A 62 -8.79 0.03 -8.02
C THR A 62 -9.71 1.02 -7.32
N GLU A 63 -10.39 0.62 -6.24
CA GLU A 63 -11.20 1.55 -5.45
C GLU A 63 -10.50 2.03 -4.18
N ALA A 64 -9.24 1.64 -3.95
CA ALA A 64 -8.47 2.11 -2.80
C ALA A 64 -7.58 3.30 -3.13
N TRP A 65 -7.35 3.58 -4.42
CA TRP A 65 -6.35 4.55 -4.86
C TRP A 65 -6.97 5.45 -5.94
N LYS A 66 -6.78 6.76 -5.79
CA LYS A 66 -7.33 7.72 -6.76
C LYS A 66 -6.46 7.86 -8.00
N GLU A 67 -5.21 7.40 -7.91
N GLU A 67 -5.22 7.39 -7.92
CA GLU A 67 -4.22 7.33 -8.97
CA GLU A 67 -4.27 7.29 -9.01
C GLU A 67 -3.32 6.16 -8.59
C GLU A 67 -3.28 6.21 -8.60
N GLY A 68 -2.73 5.49 -9.59
CA GLY A 68 -1.75 4.45 -9.30
C GLY A 68 -2.25 3.30 -8.45
N PRO A 69 -3.28 2.57 -8.91
CA PRO A 69 -3.81 1.48 -8.07
C PRO A 69 -2.96 0.23 -8.04
N TYR A 70 -1.97 0.11 -8.93
N TYR A 70 -1.93 0.12 -8.84
CA TYR A 70 -1.07 -1.04 -9.05
CA TYR A 70 -1.05 -1.03 -8.69
C TYR A 70 0.38 -0.55 -8.96
C TYR A 70 0.37 -0.62 -9.02
N CYS A 71 1.28 -1.48 -8.64
CA CYS A 71 2.70 -1.28 -8.80
C CYS A 71 3.18 -1.97 -10.08
N GLN A 72 4.46 -1.77 -10.37
CA GLN A 72 5.02 -2.27 -11.60
C GLN A 72 5.02 -3.81 -11.65
N LYS A 73 5.10 -4.50 -10.50
CA LYS A 73 5.09 -5.97 -10.47
C LYS A 73 3.71 -6.55 -10.75
N HIS A 74 2.64 -5.87 -10.35
CA HIS A 74 1.31 -6.46 -10.34
C HIS A 74 0.39 -5.90 -11.41
N GLU A 75 0.88 -4.94 -12.20
CA GLU A 75 0.16 -4.32 -13.32
CA GLU A 75 0.08 -4.34 -13.27
C GLU A 75 -0.17 -5.33 -14.41
N ARG B 1 -5.95 -3.54 3.50
CA ARG B 1 -6.28 -2.46 4.46
C ARG B 1 -5.58 -2.76 5.78
N LEU B 2 -5.35 -1.71 6.57
CA LEU B 2 -4.80 -1.87 7.91
C LEU B 2 -5.74 -2.68 8.79
N TRP B 3 -5.17 -3.46 9.70
N TRP B 3 -5.14 -3.45 9.70
CA TRP B 3 -5.97 -4.17 10.69
CA TRP B 3 -5.83 -4.17 10.77
C TRP B 3 -6.14 -3.31 11.93
C TRP B 3 -6.12 -3.21 11.92
N SER B 4 -7.39 -3.02 12.28
CA SER B 4 -7.69 -2.26 13.50
C SER B 4 -9.11 -2.51 13.95
ZN ZN C . 1.90 -5.53 -1.90
ZN ZN D . 1.93 -4.58 -6.17
ZN ZN E . 0.17 8.71 -4.55
#